data_3O4V
#
_entry.id   3O4V
#
_cell.length_a   51.600
_cell.length_b   69.090
_cell.length_c   128.310
_cell.angle_alpha   90.000
_cell.angle_beta   90.000
_cell.angle_gamma   90.000
#
_symmetry.space_group_name_H-M   'P 21 21 21'
#
loop_
_entity.id
_entity.type
_entity.pdbx_description
1 polymer 'MTA/SAH nucleosidase'
2 non-polymer (3R,4S)-1-[(4-amino-5H-pyrrolo[3,2-d]pyrimidin-7-yl)methyl]-4-{[(4-chlorophenyl)sulfanyl]methyl}pyrrolidin-3-ol
3 non-polymer GLYCEROL
4 non-polymer 'ISOPROPYL ALCOHOL'
5 water water
#
_entity_poly.entity_id   1
_entity_poly.type   'polypeptide(L)'
_entity_poly.pdbx_seq_one_letter_code
;FSMKIGIIGAMEEEVTLLRDKIENRQTISLGGCEIYTGQLNGTEVALLKSGIGKVAAALGATLLLEHCKPDVIINTGSAG
GLAPTLKVGDIVVSDEARYHDADVTAFGYEYGQLPGCPAGFKADDKLIAAAEACIAELNLNAVRGLIVSGDAFINGSVGL
AKIRHNFPQAIAVEMEATAIAHVCHNFNVPFVVVRAISDVADQQSHLSFDEFLAVAAKQSSLMVESLVQKLAHG
;
_entity_poly.pdbx_strand_id   A,B
#
loop_
_chem_comp.id
_chem_comp.type
_chem_comp.name
_chem_comp.formula
4CT non-polymer (3R,4S)-1-[(4-amino-5H-pyrrolo[3,2-d]pyrimidin-7-yl)methyl]-4-{[(4-chlorophenyl)sulfanyl]methyl}pyrrolidin-3-ol 'C18 H20 Cl N5 O S'
GOL non-polymer GLYCEROL 'C3 H8 O3'
IPA non-polymer 'ISOPROPYL ALCOHOL' 'C3 H8 O'
#
# COMPACT_ATOMS: atom_id res chain seq x y z
N PHE A 1 -27.44 16.02 11.15
CA PHE A 1 -26.97 17.02 10.11
C PHE A 1 -25.50 17.40 10.22
N SER A 2 -24.70 16.57 10.90
CA SER A 2 -23.32 16.92 10.97
C SER A 2 -22.49 15.71 10.63
N MET A 3 -22.91 14.92 9.66
CA MET A 3 -22.09 13.73 9.29
C MET A 3 -21.41 14.01 7.95
N LYS A 4 -20.14 13.60 7.78
CA LYS A 4 -19.51 13.78 6.49
C LYS A 4 -19.15 12.34 6.05
N ILE A 5 -19.60 11.95 4.87
CA ILE A 5 -19.35 10.56 4.43
CA ILE A 5 -19.37 10.58 4.40
C ILE A 5 -18.21 10.56 3.41
N GLY A 6 -17.18 9.75 3.70
CA GLY A 6 -16.06 9.63 2.78
C GLY A 6 -16.38 8.46 1.83
N ILE A 7 -16.06 8.65 0.55
CA ILE A 7 -16.34 7.55 -0.43
C ILE A 7 -15.03 7.44 -1.22
N ILE A 8 -14.61 6.20 -1.50
CA ILE A 8 -13.37 5.99 -2.27
C ILE A 8 -13.58 5.06 -3.44
N GLY A 9 -13.20 5.53 -4.62
CA GLY A 9 -13.21 4.64 -5.82
C GLY A 9 -11.82 4.75 -6.48
N ALA A 10 -11.38 3.69 -7.19
CA ALA A 10 -9.97 3.65 -7.63
C ALA A 10 -9.90 4.28 -9.06
N MET A 11 -10.64 3.68 -10.00
CA MET A 11 -10.61 4.19 -11.38
C MET A 11 -11.46 5.43 -11.51
N GLU A 12 -11.15 6.30 -12.49
CA GLU A 12 -12.07 7.44 -12.74
C GLU A 12 -13.48 6.96 -13.11
N GLU A 13 -13.62 5.89 -13.89
CA GLU A 13 -14.96 5.42 -14.18
C GLU A 13 -15.69 4.96 -12.94
N GLU A 14 -14.91 4.52 -11.94
CA GLU A 14 -15.58 4.08 -10.69
C GLU A 14 -16.09 5.25 -9.85
N VAL A 15 -15.59 6.46 -10.08
CA VAL A 15 -16.11 7.59 -9.25
C VAL A 15 -16.95 8.55 -10.06
N THR A 16 -16.90 8.44 -11.40
CA THR A 16 -17.46 9.57 -12.23
C THR A 16 -19.00 9.76 -12.08
N LEU A 17 -19.73 8.68 -11.85
CA LEU A 17 -21.16 8.83 -11.66
C LEU A 17 -21.55 9.58 -10.37
N LEU A 18 -20.90 9.24 -9.27
CA LEU A 18 -21.12 9.94 -8.04
C LEU A 18 -20.63 11.36 -8.17
N ARG A 19 -19.46 11.52 -8.76
CA ARG A 19 -18.86 12.82 -8.94
C ARG A 19 -19.83 13.79 -9.63
N ASP A 20 -20.57 13.30 -10.62
CA ASP A 20 -21.57 14.05 -11.37
CA ASP A 20 -21.45 14.09 -11.40
C ASP A 20 -22.65 14.64 -10.47
N LYS A 21 -23.02 13.84 -9.47
CA LYS A 21 -24.18 14.13 -8.69
C LYS A 21 -23.87 15.06 -7.53
N ILE A 22 -22.62 15.38 -7.33
CA ILE A 22 -22.24 16.19 -6.20
C ILE A 22 -22.57 17.66 -6.45
N GLU A 23 -23.33 18.23 -5.53
CA GLU A 23 -23.75 19.65 -5.59
C GLU A 23 -22.68 20.48 -4.91
N ASN A 24 -22.47 21.72 -5.35
CA ASN A 24 -21.44 22.66 -4.74
C ASN A 24 -20.08 21.94 -4.78
N ARG A 25 -19.81 21.25 -5.89
CA ARG A 25 -18.60 20.42 -5.95
C ARG A 25 -17.33 21.24 -6.04
N GLN A 26 -16.30 20.82 -5.33
CA GLN A 26 -15.00 21.46 -5.46
C GLN A 26 -13.99 20.33 -5.51
N THR A 27 -12.82 20.59 -6.10
CA THR A 27 -11.81 19.53 -6.29
C THR A 27 -10.54 19.84 -5.53
N ILE A 28 -10.06 18.89 -4.76
CA ILE A 28 -8.83 19.02 -4.05
C ILE A 28 -7.83 18.11 -4.79
N SER A 29 -6.72 18.64 -5.26
CA SER A 29 -5.68 17.90 -5.98
C SER A 29 -4.40 17.83 -5.16
N LEU A 30 -4.02 16.63 -4.81
CA LEU A 30 -2.88 16.44 -3.94
C LEU A 30 -2.33 15.04 -4.05
N GLY A 31 -1.02 14.93 -4.08
CA GLY A 31 -0.37 13.65 -4.03
C GLY A 31 -0.74 12.73 -5.16
N GLY A 32 -1.13 13.31 -6.27
CA GLY A 32 -1.50 12.58 -7.44
C GLY A 32 -2.95 12.14 -7.43
N CYS A 33 -3.66 12.50 -6.37
N CYS A 33 -3.69 12.47 -6.37
CA CYS A 33 -5.07 12.11 -6.22
CA CYS A 33 -5.08 12.06 -6.34
C CYS A 33 -6.00 13.29 -6.41
C CYS A 33 -6.01 13.26 -6.32
N GLU A 34 -7.30 12.98 -6.52
CA GLU A 34 -8.32 14.04 -6.48
C GLU A 34 -9.35 13.65 -5.45
N ILE A 35 -9.84 14.66 -4.73
CA ILE A 35 -10.96 14.45 -3.80
C ILE A 35 -11.99 15.50 -4.17
N TYR A 36 -13.25 15.08 -4.32
CA TYR A 36 -14.35 15.98 -4.70
C TYR A 36 -15.17 16.16 -3.44
N THR A 37 -15.44 17.42 -3.07
CA THR A 37 -16.21 17.65 -1.87
C THR A 37 -17.51 18.34 -2.29
N GLY A 38 -18.55 18.21 -1.47
CA GLY A 38 -19.84 18.97 -1.66
C GLY A 38 -20.86 18.08 -1.09
N GLN A 39 -22.06 18.10 -1.64
CA GLN A 39 -23.13 17.33 -1.06
C GLN A 39 -23.75 16.40 -2.06
N LEU A 40 -24.12 15.24 -1.56
CA LEU A 40 -24.80 14.26 -2.38
C LEU A 40 -26.21 14.14 -1.83
N ASN A 41 -27.18 14.59 -2.61
CA ASN A 41 -28.54 14.67 -2.16
C ASN A 41 -28.61 15.27 -0.75
N GLY A 42 -28.00 16.42 -0.55
CA GLY A 42 -27.98 17.05 0.75
C GLY A 42 -26.91 16.68 1.81
N THR A 43 -26.29 15.50 1.69
CA THR A 43 -25.34 15.02 2.69
C THR A 43 -23.93 15.38 2.26
N GLU A 44 -23.17 15.94 3.19
CA GLU A 44 -21.80 16.32 2.93
C GLU A 44 -20.97 15.06 2.67
N VAL A 45 -20.24 15.09 1.57
CA VAL A 45 -19.40 13.95 1.17
C VAL A 45 -18.01 14.41 0.74
N ALA A 46 -17.09 13.48 0.78
CA ALA A 46 -15.75 13.74 0.26
C ALA A 46 -15.42 12.48 -0.54
N LEU A 47 -15.34 12.62 -1.86
CA LEU A 47 -15.20 11.45 -2.79
C LEU A 47 -13.79 11.45 -3.31
N LEU A 48 -13.04 10.39 -2.99
CA LEU A 48 -11.63 10.27 -3.41
C LEU A 48 -11.52 9.36 -4.63
N LYS A 49 -10.80 9.84 -5.62
CA LYS A 49 -10.37 9.01 -6.73
C LYS A 49 -8.90 8.63 -6.40
N SER A 50 -8.67 7.35 -6.06
CA SER A 50 -7.37 6.98 -5.47
C SER A 50 -6.33 6.55 -6.51
N GLY A 51 -6.78 6.07 -7.65
CA GLY A 51 -5.84 5.36 -8.57
C GLY A 51 -5.82 3.91 -8.07
N ILE A 52 -4.98 3.12 -8.74
CA ILE A 52 -5.15 1.66 -8.78
C ILE A 52 -4.14 0.92 -7.90
N GLY A 53 -4.68 -0.02 -7.11
CA GLY A 53 -3.86 -0.93 -6.30
C GLY A 53 -3.59 -0.40 -4.88
N LYS A 54 -2.79 -1.16 -4.13
CA LYS A 54 -2.80 -1.08 -2.64
C LYS A 54 -2.14 0.23 -2.17
N VAL A 55 -0.99 0.56 -2.75
CA VAL A 55 -0.25 1.80 -2.33
C VAL A 55 -1.04 3.03 -2.75
N ALA A 56 -1.59 3.05 -3.97
CA ALA A 56 -2.39 4.26 -4.39
C ALA A 56 -3.58 4.45 -3.48
N ALA A 57 -4.30 3.34 -3.19
CA ALA A 57 -5.46 3.38 -2.25
C ALA A 57 -5.01 3.86 -0.86
N ALA A 58 -3.85 3.40 -0.41
CA ALA A 58 -3.37 3.71 0.97
C ALA A 58 -3.02 5.24 1.04
N LEU A 59 -2.24 5.70 0.05
CA LEU A 59 -1.82 7.14 -0.03
C LEU A 59 -3.11 7.98 -0.06
N GLY A 60 -3.99 7.67 -1.00
CA GLY A 60 -5.32 8.38 -1.14
C GLY A 60 -6.14 8.44 0.12
N ALA A 61 -6.33 7.27 0.73
CA ALA A 61 -7.16 7.14 1.97
C ALA A 61 -6.52 7.96 3.08
N THR A 62 -5.18 7.95 3.15
CA THR A 62 -4.48 8.71 4.19
C THR A 62 -4.68 10.23 4.00
N LEU A 63 -4.56 10.70 2.76
CA LEU A 63 -4.89 12.14 2.47
C LEU A 63 -6.33 12.46 2.74
N LEU A 64 -7.26 11.56 2.38
CA LEU A 64 -8.69 11.85 2.58
C LEU A 64 -9.00 11.98 4.10
N LEU A 65 -8.49 11.02 4.88
CA LEU A 65 -8.68 11.09 6.31
C LEU A 65 -8.03 12.34 6.93
N GLU A 66 -6.78 12.64 6.60
CA GLU A 66 -6.13 13.82 7.17
C GLU A 66 -6.78 15.15 6.73
N HIS A 67 -7.08 15.30 5.44
CA HIS A 67 -7.61 16.58 4.92
C HIS A 67 -9.12 16.77 5.16
N CYS A 68 -9.89 15.69 5.23
CA CYS A 68 -11.38 15.77 5.19
C CYS A 68 -12.01 15.21 6.44
N LYS A 69 -11.31 14.35 7.15
CA LYS A 69 -11.81 13.81 8.40
C LYS A 69 -13.27 13.27 8.30
N PRO A 70 -13.56 12.47 7.30
CA PRO A 70 -14.89 11.87 7.19
C PRO A 70 -15.21 10.93 8.34
N ASP A 71 -16.47 10.89 8.73
CA ASP A 71 -16.95 10.04 9.79
C ASP A 71 -16.88 8.55 9.48
N VAL A 72 -17.12 8.21 8.24
CA VAL A 72 -17.05 6.79 7.83
C VAL A 72 -16.51 6.74 6.41
N ILE A 73 -16.10 5.56 5.99
CA ILE A 73 -15.62 5.37 4.64
C ILE A 73 -16.42 4.27 3.93
N ILE A 74 -16.82 4.56 2.68
CA ILE A 74 -17.48 3.52 1.86
C ILE A 74 -16.60 3.39 0.61
N ASN A 75 -16.19 2.15 0.29
CA ASN A 75 -15.34 1.90 -0.87
C ASN A 75 -16.29 1.35 -1.92
N THR A 76 -16.31 2.04 -3.06
CA THR A 76 -17.23 1.75 -4.15
C THR A 76 -16.41 1.21 -5.34
N GLY A 77 -17.08 0.63 -6.34
CA GLY A 77 -16.36 0.20 -7.53
C GLY A 77 -16.74 -1.19 -8.02
N SER A 78 -15.92 -1.71 -8.93
CA SER A 78 -16.14 -3.07 -9.51
C SER A 78 -15.36 -4.14 -8.68
N ALA A 79 -15.58 -5.40 -9.01
CA ALA A 79 -14.87 -6.49 -8.35
C ALA A 79 -15.03 -7.73 -9.18
N GLY A 80 -14.09 -8.67 -8.95
CA GLY A 80 -14.14 -10.00 -9.58
C GLY A 80 -14.93 -10.88 -8.61
N GLY A 81 -16.00 -11.49 -9.12
CA GLY A 81 -16.92 -12.29 -8.26
C GLY A 81 -16.38 -13.69 -8.07
N LEU A 82 -16.37 -14.18 -6.81
CA LEU A 82 -15.84 -15.52 -6.53
C LEU A 82 -16.93 -16.41 -6.03
N ALA A 83 -17.93 -15.83 -5.33
CA ALA A 83 -19.06 -16.63 -4.75
C ALA A 83 -19.94 -17.21 -5.89
N PRO A 84 -20.41 -18.49 -5.75
CA PRO A 84 -21.06 -19.14 -6.90
C PRO A 84 -22.38 -18.52 -7.35
N THR A 85 -23.07 -17.78 -6.52
CA THR A 85 -24.33 -17.20 -6.97
C THR A 85 -24.22 -15.83 -7.58
N LEU A 86 -23.02 -15.32 -7.70
CA LEU A 86 -22.84 -14.02 -8.24
C LEU A 86 -22.87 -13.98 -9.77
N LYS A 87 -23.53 -12.95 -10.27
CA LYS A 87 -23.58 -12.63 -11.68
C LYS A 87 -23.09 -11.18 -11.87
N VAL A 88 -22.69 -10.86 -13.09
CA VAL A 88 -22.28 -9.54 -13.41
C VAL A 88 -23.40 -8.54 -13.02
N GLY A 89 -23.02 -7.51 -12.31
CA GLY A 89 -23.90 -6.49 -11.78
C GLY A 89 -24.38 -6.67 -10.36
N ASP A 90 -24.23 -7.86 -9.81
CA ASP A 90 -24.63 -8.11 -8.45
C ASP A 90 -23.74 -7.33 -7.48
N ILE A 91 -24.28 -7.04 -6.30
CA ILE A 91 -23.56 -6.33 -5.24
C ILE A 91 -22.77 -7.27 -4.33
N VAL A 92 -21.62 -6.82 -3.91
CA VAL A 92 -20.93 -7.48 -2.83
C VAL A 92 -20.66 -6.49 -1.71
N VAL A 93 -20.93 -6.92 -0.48
CA VAL A 93 -20.71 -6.15 0.71
C VAL A 93 -19.68 -6.84 1.60
N SER A 94 -18.70 -6.07 2.06
CA SER A 94 -17.70 -6.65 2.91
C SER A 94 -18.27 -6.82 4.30
N ASP A 95 -18.14 -8.02 4.86
CA ASP A 95 -18.03 -8.38 6.26
CA ASP A 95 -18.07 -8.10 6.29
C ASP A 95 -16.56 -7.99 6.88
N GLU A 96 -15.61 -8.21 5.98
CA GLU A 96 -14.23 -8.20 6.36
CA GLU A 96 -14.22 -8.24 6.35
C GLU A 96 -13.37 -8.12 5.07
N ALA A 97 -12.17 -7.62 5.22
CA ALA A 97 -11.23 -7.55 4.13
C ALA A 97 -9.89 -8.20 4.51
N ARG A 98 -9.28 -8.90 3.58
CA ARG A 98 -8.01 -9.49 3.81
C ARG A 98 -7.13 -9.35 2.57
N TYR A 99 -5.82 -9.22 2.79
CA TYR A 99 -4.88 -9.27 1.65
C TYR A 99 -4.71 -10.74 1.19
N HIS A 100 -4.97 -11.02 -0.11
CA HIS A 100 -4.72 -12.37 -0.55
C HIS A 100 -3.25 -12.62 -0.90
N ASP A 101 -2.50 -11.54 -1.06
CA ASP A 101 -1.11 -11.62 -1.50
C ASP A 101 -0.06 -11.27 -0.43
N ALA A 102 -0.43 -11.34 0.87
CA ALA A 102 0.60 -11.03 1.91
C ALA A 102 0.96 -12.39 2.48
N ASP A 103 2.28 -12.57 2.69
CA ASP A 103 2.74 -13.87 3.16
C ASP A 103 3.99 -13.70 3.98
N VAL A 104 3.81 -13.73 5.31
CA VAL A 104 4.98 -13.72 6.20
C VAL A 104 4.83 -15.01 7.04
N THR A 105 4.34 -16.06 6.37
CA THR A 105 4.11 -17.35 7.08
C THR A 105 5.44 -17.99 7.48
N ALA A 106 6.56 -17.59 6.88
CA ALA A 106 7.89 -18.07 7.35
C ALA A 106 8.13 -17.71 8.82
N PHE A 107 7.49 -16.64 9.31
CA PHE A 107 7.57 -16.33 10.74
C PHE A 107 6.26 -16.66 11.49
N GLY A 108 5.42 -17.46 10.88
CA GLY A 108 4.21 -17.99 11.56
C GLY A 108 3.09 -16.96 11.73
N TYR A 109 3.08 -15.94 10.88
CA TYR A 109 1.87 -15.10 10.83
C TYR A 109 0.86 -15.90 10.01
N GLU A 110 -0.39 -15.53 10.10
CA GLU A 110 -1.41 -16.24 9.35
C GLU A 110 -1.28 -15.84 7.88
N TYR A 111 -1.57 -16.76 6.94
CA TYR A 111 -1.53 -16.35 5.51
C TYR A 111 -2.42 -15.12 5.28
N GLY A 112 -1.87 -14.10 4.60
CA GLY A 112 -2.66 -12.88 4.30
C GLY A 112 -2.42 -11.77 5.33
N GLN A 113 -1.88 -12.10 6.51
CA GLN A 113 -1.63 -11.14 7.59
C GLN A 113 -0.29 -10.45 7.43
N LEU A 114 -0.32 -9.13 7.59
CA LEU A 114 1.01 -8.46 7.74
C LEU A 114 1.32 -8.25 9.26
N PRO A 115 2.59 -8.44 9.64
CA PRO A 115 3.03 -8.14 11.04
C PRO A 115 2.59 -6.73 11.44
N GLY A 116 1.99 -6.62 12.65
CA GLY A 116 1.48 -5.32 13.09
C GLY A 116 0.01 -5.10 12.79
N CYS A 117 -0.60 -6.00 12.02
CA CYS A 117 -2.02 -5.93 11.71
C CYS A 117 -2.75 -7.17 12.20
N PRO A 118 -4.09 -7.04 12.34
CA PRO A 118 -4.92 -8.25 12.56
C PRO A 118 -4.89 -9.04 11.29
N ALA A 119 -5.25 -10.30 11.34
CA ALA A 119 -5.23 -11.14 10.14
C ALA A 119 -6.22 -10.67 9.05
N GLY A 120 -7.28 -10.00 9.47
CA GLY A 120 -8.28 -9.41 8.52
C GLY A 120 -8.82 -8.16 9.22
N PHE A 121 -9.52 -7.35 8.43
CA PHE A 121 -10.09 -6.07 8.96
C PHE A 121 -11.58 -6.14 8.89
N LYS A 122 -12.24 -5.99 10.06
CA LYS A 122 -13.73 -6.17 10.04
C LYS A 122 -14.42 -4.85 9.60
N ALA A 123 -15.38 -4.94 8.70
CA ALA A 123 -16.16 -3.80 8.29
C ALA A 123 -17.18 -3.50 9.42
N ASP A 124 -17.67 -2.30 9.39
CA ASP A 124 -18.52 -1.82 10.48
C ASP A 124 -19.95 -2.38 10.42
N ASP A 125 -20.41 -2.91 11.55
CA ASP A 125 -21.71 -3.60 11.59
C ASP A 125 -22.88 -2.71 11.20
N LYS A 126 -22.90 -1.50 11.68
CA LYS A 126 -23.95 -0.57 11.32
C LYS A 126 -23.98 -0.22 9.82
N LEU A 127 -22.81 0.02 9.26
CA LEU A 127 -22.66 0.28 7.81
C LEU A 127 -23.15 -0.92 7.05
N ILE A 128 -22.77 -2.11 7.50
CA ILE A 128 -23.20 -3.30 6.82
C ILE A 128 -24.73 -3.44 6.90
N ALA A 129 -25.29 -3.17 8.04
CA ALA A 129 -26.76 -3.32 8.15
C ALA A 129 -27.47 -2.33 7.24
N ALA A 130 -26.96 -1.12 7.21
CA ALA A 130 -27.54 -0.08 6.36
C ALA A 130 -27.45 -0.45 4.86
N ALA A 131 -26.31 -1.03 4.47
CA ALA A 131 -26.15 -1.51 3.07
C ALA A 131 -27.17 -2.59 2.80
N GLU A 132 -27.41 -3.49 3.75
CA GLU A 132 -28.31 -4.64 3.46
C GLU A 132 -29.73 -4.12 3.34
N ALA A 133 -30.05 -3.10 4.11
CA ALA A 133 -31.39 -2.46 4.00
C ALA A 133 -31.61 -1.79 2.63
N CYS A 134 -30.57 -1.12 2.14
CA CYS A 134 -30.60 -0.57 0.80
C CYS A 134 -30.75 -1.67 -0.28
N ILE A 135 -30.02 -2.79 -0.11
CA ILE A 135 -30.09 -3.90 -1.11
C ILE A 135 -31.57 -4.44 -1.20
N ALA A 136 -32.19 -4.60 -0.03
CA ALA A 136 -33.62 -4.98 0.03
C ALA A 136 -34.55 -3.94 -0.63
N GLU A 137 -34.33 -2.66 -0.34
CA GLU A 137 -35.20 -1.63 -0.85
C GLU A 137 -35.07 -1.47 -2.35
N LEU A 138 -33.85 -1.70 -2.87
CA LEU A 138 -33.58 -1.63 -4.27
C LEU A 138 -33.87 -2.95 -4.99
N ASN A 139 -34.21 -4.00 -4.23
CA ASN A 139 -34.42 -5.36 -4.72
CA ASN A 139 -34.46 -5.32 -4.78
C ASN A 139 -33.28 -5.89 -5.61
N LEU A 140 -32.07 -5.76 -5.08
CA LEU A 140 -30.89 -6.21 -5.79
C LEU A 140 -30.47 -7.58 -5.26
N ASN A 141 -29.65 -8.29 -6.04
CA ASN A 141 -29.03 -9.54 -5.61
CA ASN A 141 -29.05 -9.53 -5.56
C ASN A 141 -27.68 -9.15 -5.04
N ALA A 142 -27.41 -9.61 -3.84
CA ALA A 142 -26.13 -9.28 -3.22
C ALA A 142 -25.61 -10.47 -2.43
N VAL A 143 -24.30 -10.49 -2.17
CA VAL A 143 -23.70 -11.45 -1.22
C VAL A 143 -22.87 -10.61 -0.24
N ARG A 144 -22.98 -10.95 1.04
CA ARG A 144 -22.13 -10.36 2.08
C ARG A 144 -21.01 -11.33 2.50
N GLY A 145 -19.79 -10.84 2.75
CA GLY A 145 -18.78 -11.80 3.16
C GLY A 145 -17.37 -11.23 2.95
N LEU A 146 -16.39 -12.10 2.94
CA LEU A 146 -14.98 -11.66 2.93
C LEU A 146 -14.65 -11.13 1.50
N ILE A 147 -14.03 -9.96 1.40
CA ILE A 147 -13.48 -9.52 0.11
C ILE A 147 -11.95 -9.52 0.26
N VAL A 148 -11.25 -10.04 -0.76
CA VAL A 148 -9.78 -10.09 -0.64
C VAL A 148 -9.15 -9.11 -1.65
N SER A 149 -8.04 -8.48 -1.30
CA SER A 149 -7.38 -7.54 -2.20
C SER A 149 -5.93 -7.93 -2.45
N GLY A 150 -5.45 -7.56 -3.61
CA GLY A 150 -4.05 -7.75 -3.99
C GLY A 150 -3.71 -6.76 -5.09
N ASP A 151 -2.46 -6.79 -5.51
CA ASP A 151 -1.97 -5.90 -6.57
C ASP A 151 -1.95 -6.60 -7.97
N ALA A 152 -2.87 -7.53 -8.12
CA ALA A 152 -3.04 -8.29 -9.34
C ALA A 152 -4.48 -8.33 -9.84
N PHE A 153 -4.64 -8.23 -11.15
CA PHE A 153 -5.93 -8.38 -11.77
C PHE A 153 -6.05 -9.91 -12.00
N ILE A 154 -7.03 -10.52 -11.32
CA ILE A 154 -7.20 -11.94 -11.38
C ILE A 154 -7.90 -12.35 -12.67
N ASN A 155 -7.22 -13.26 -13.35
CA ASN A 155 -7.58 -13.68 -14.67
C ASN A 155 -7.40 -15.20 -14.85
N GLY A 156 -8.02 -15.99 -13.98
CA GLY A 156 -7.93 -17.41 -14.00
C GLY A 156 -6.56 -17.94 -13.61
N SER A 157 -6.31 -19.16 -14.04
CA SER A 157 -5.03 -19.75 -13.84
C SER A 157 -4.64 -19.87 -12.37
N VAL A 158 -3.38 -19.76 -12.10
CA VAL A 158 -2.88 -19.89 -10.75
C VAL A 158 -3.39 -18.86 -9.79
N GLY A 159 -3.49 -17.65 -10.26
CA GLY A 159 -3.87 -16.57 -9.41
C GLY A 159 -5.22 -16.86 -8.85
N LEU A 160 -6.14 -17.30 -9.68
CA LEU A 160 -7.44 -17.60 -9.14
C LEU A 160 -7.43 -18.81 -8.22
N ALA A 161 -6.70 -19.81 -8.65
CA ALA A 161 -6.67 -21.05 -7.88
C ALA A 161 -6.08 -20.80 -6.47
N LYS A 162 -5.05 -19.99 -6.42
CA LYS A 162 -4.40 -19.69 -5.17
C LYS A 162 -5.41 -18.99 -4.22
N ILE A 163 -6.15 -18.02 -4.74
CA ILE A 163 -7.15 -17.37 -3.88
C ILE A 163 -8.22 -18.35 -3.41
N ARG A 164 -8.73 -19.16 -4.30
CA ARG A 164 -9.83 -20.12 -3.91
C ARG A 164 -9.35 -21.10 -2.83
N HIS A 165 -8.09 -21.50 -2.96
CA HIS A 165 -7.45 -22.37 -1.94
C HIS A 165 -7.20 -21.68 -0.60
N ASN A 166 -6.62 -20.48 -0.61
CA ASN A 166 -6.22 -19.81 0.66
C ASN A 166 -7.42 -19.18 1.36
N PHE A 167 -8.39 -18.76 0.54
CA PHE A 167 -9.58 -18.07 1.05
C PHE A 167 -10.86 -18.63 0.39
N PRO A 168 -11.20 -19.89 0.74
CA PRO A 168 -12.37 -20.52 0.16
C PRO A 168 -13.67 -19.74 0.48
N GLN A 169 -13.66 -18.93 1.54
CA GLN A 169 -14.79 -18.16 1.95
C GLN A 169 -14.83 -16.76 1.26
N ALA A 170 -13.80 -16.39 0.49
CA ALA A 170 -13.82 -15.07 -0.18
C ALA A 170 -14.95 -15.02 -1.21
N ILE A 171 -15.72 -13.94 -1.17
CA ILE A 171 -16.82 -13.74 -2.12
C ILE A 171 -16.46 -12.93 -3.36
N ALA A 172 -15.37 -12.17 -3.27
CA ALA A 172 -14.98 -11.31 -4.40
C ALA A 172 -13.51 -10.91 -4.17
N VAL A 173 -12.87 -10.50 -5.28
CA VAL A 173 -11.49 -10.04 -5.23
C VAL A 173 -11.33 -8.71 -5.96
N GLU A 174 -10.47 -7.89 -5.41
CA GLU A 174 -10.19 -6.62 -6.01
C GLU A 174 -8.80 -6.14 -5.59
N MET A 175 -8.50 -4.88 -5.79
CA MET A 175 -7.16 -4.37 -5.56
C MET A 175 -6.92 -3.19 -4.58
N GLU A 176 -7.97 -2.70 -3.94
CA GLU A 176 -7.85 -1.57 -3.02
C GLU A 176 -8.50 -1.69 -1.62
N ALA A 177 -9.54 -2.49 -1.57
CA ALA A 177 -10.35 -2.50 -0.38
C ALA A 177 -9.62 -2.72 0.92
N THR A 178 -8.75 -3.71 0.94
CA THR A 178 -8.00 -4.05 2.13
C THR A 178 -7.03 -2.93 2.57
N ALA A 179 -6.48 -2.27 1.60
CA ALA A 179 -5.55 -1.20 1.91
C ALA A 179 -6.35 -0.05 2.54
N ILE A 180 -7.52 0.24 2.00
CA ILE A 180 -8.39 1.27 2.61
C ILE A 180 -8.75 0.80 4.04
N ALA A 181 -9.13 -0.47 4.19
CA ALA A 181 -9.50 -1.02 5.52
C ALA A 181 -8.34 -0.87 6.50
N HIS A 182 -7.12 -1.16 6.02
CA HIS A 182 -5.92 -1.12 6.87
C HIS A 182 -5.69 0.37 7.32
N VAL A 183 -5.75 1.32 6.38
CA VAL A 183 -5.64 2.74 6.77
C VAL A 183 -6.75 3.14 7.78
N CYS A 184 -8.00 2.76 7.49
CA CYS A 184 -9.12 3.08 8.42
C CYS A 184 -8.91 2.46 9.80
N HIS A 185 -8.38 1.23 9.81
CA HIS A 185 -8.04 0.56 11.09
C HIS A 185 -7.05 1.43 11.92
N ASN A 186 -6.02 1.96 11.25
CA ASN A 186 -4.95 2.68 11.95
C ASN A 186 -5.49 4.01 12.45
N PHE A 187 -6.50 4.53 11.80
CA PHE A 187 -7.12 5.80 12.25
C PHE A 187 -8.45 5.65 13.01
N ASN A 188 -8.87 4.39 13.29
CA ASN A 188 -10.14 4.08 13.97
CA ASN A 188 -10.15 4.09 13.98
C ASN A 188 -11.35 4.66 13.27
N VAL A 189 -11.41 4.51 11.92
CA VAL A 189 -12.53 5.01 11.17
C VAL A 189 -13.34 3.81 10.61
N PRO A 190 -14.68 3.78 10.81
CA PRO A 190 -15.47 2.63 10.38
C PRO A 190 -15.48 2.60 8.84
N PHE A 191 -15.44 1.42 8.27
CA PHE A 191 -15.51 1.36 6.75
C PHE A 191 -16.50 0.24 6.32
N VAL A 192 -16.91 0.30 5.04
CA VAL A 192 -17.60 -0.79 4.41
C VAL A 192 -17.27 -0.76 2.93
N VAL A 193 -17.23 -1.93 2.32
CA VAL A 193 -17.00 -1.96 0.86
C VAL A 193 -18.35 -2.34 0.26
N VAL A 194 -18.78 -1.58 -0.73
CA VAL A 194 -20.01 -1.91 -1.44
C VAL A 194 -19.64 -1.82 -2.91
N ARG A 195 -19.23 -2.95 -3.48
CA ARG A 195 -18.84 -3.00 -4.93
C ARG A 195 -19.85 -3.84 -5.74
N ALA A 196 -19.64 -3.90 -7.05
CA ALA A 196 -20.52 -4.71 -7.91
C ALA A 196 -19.65 -5.51 -8.85
N ILE A 197 -20.23 -6.59 -9.37
CA ILE A 197 -19.43 -7.58 -10.06
C ILE A 197 -19.28 -7.19 -11.55
N SER A 198 -18.03 -7.16 -12.00
CA SER A 198 -17.76 -6.81 -13.40
C SER A 198 -17.29 -8.08 -14.19
N ASP A 199 -16.92 -9.12 -13.46
CA ASP A 199 -16.31 -10.31 -14.08
C ASP A 199 -16.23 -11.36 -12.98
N VAL A 200 -15.81 -12.57 -13.33
CA VAL A 200 -15.71 -13.60 -12.33
C VAL A 200 -14.28 -14.12 -12.17
N ALA A 201 -13.29 -13.27 -12.56
CA ALA A 201 -11.90 -13.48 -12.18
C ALA A 201 -11.33 -14.73 -12.85
N ASP A 202 -12.00 -15.22 -13.92
CA ASP A 202 -11.48 -16.43 -14.57
C ASP A 202 -10.73 -16.06 -15.86
N GLN A 203 -10.32 -17.06 -16.67
CA GLN A 203 -9.55 -16.69 -17.84
C GLN A 203 -10.16 -15.62 -18.83
N GLN A 204 -11.45 -15.36 -18.76
CA GLN A 204 -12.08 -14.35 -19.60
C GLN A 204 -12.31 -13.06 -18.85
N SER A 205 -11.74 -12.92 -17.63
CA SER A 205 -12.13 -11.75 -16.80
C SER A 205 -11.75 -10.41 -17.41
N HIS A 206 -10.68 -10.33 -18.19
CA HIS A 206 -10.28 -9.07 -18.86
C HIS A 206 -11.40 -8.65 -19.89
N LEU A 207 -11.90 -9.60 -20.66
CA LEU A 207 -12.98 -9.31 -21.65
C LEU A 207 -14.28 -9.02 -20.95
N SER A 208 -14.59 -9.78 -19.90
CA SER A 208 -15.82 -9.45 -19.16
C SER A 208 -15.74 -7.98 -18.57
N PHE A 209 -14.59 -7.67 -17.96
CA PHE A 209 -14.33 -6.31 -17.42
C PHE A 209 -14.43 -5.27 -18.52
N ASP A 210 -13.90 -5.57 -19.69
CA ASP A 210 -13.98 -4.60 -20.82
C ASP A 210 -15.46 -4.31 -21.08
N GLU A 211 -16.30 -5.31 -20.96
CA GLU A 211 -17.67 -5.25 -21.34
CA GLU A 211 -17.70 -5.22 -21.33
C GLU A 211 -18.59 -4.60 -20.20
N PHE A 212 -18.28 -5.00 -18.97
CA PHE A 212 -19.16 -4.79 -17.85
C PHE A 212 -18.69 -3.83 -16.70
N LEU A 213 -17.53 -3.22 -16.86
CA LEU A 213 -17.05 -2.30 -15.87
C LEU A 213 -18.12 -1.21 -15.68
N ALA A 214 -18.69 -0.68 -16.75
CA ALA A 214 -19.70 0.39 -16.57
C ALA A 214 -20.94 -0.03 -15.81
N VAL A 215 -21.41 -1.24 -16.08
CA VAL A 215 -22.56 -1.77 -15.36
C VAL A 215 -22.24 -1.91 -13.89
N ALA A 216 -21.06 -2.43 -13.60
CA ALA A 216 -20.68 -2.54 -12.16
C ALA A 216 -20.54 -1.16 -11.47
N ALA A 217 -19.93 -0.18 -12.15
CA ALA A 217 -19.84 1.17 -11.65
C ALA A 217 -21.21 1.74 -11.42
N LYS A 218 -22.14 1.49 -12.36
CA LYS A 218 -23.48 2.06 -12.21
C LYS A 218 -24.17 1.42 -11.00
N GLN A 219 -24.09 0.07 -10.89
CA GLN A 219 -24.79 -0.62 -9.78
C GLN A 219 -24.19 -0.25 -8.42
N SER A 220 -22.87 -0.24 -8.32
N SER A 220 -22.86 -0.25 -8.31
CA SER A 220 -22.22 0.13 -7.06
CA SER A 220 -22.20 0.14 -7.05
C SER A 220 -22.51 1.61 -6.69
C SER A 220 -22.52 1.60 -6.70
N SER A 221 -22.51 2.49 -7.70
CA SER A 221 -22.79 3.93 -7.46
C SER A 221 -24.25 4.15 -6.96
N LEU A 222 -25.20 3.45 -7.56
CA LEU A 222 -26.60 3.48 -7.16
C LEU A 222 -26.69 3.07 -5.68
N MET A 223 -26.00 1.99 -5.31
CA MET A 223 -26.01 1.51 -3.94
C MET A 223 -25.39 2.54 -2.99
N VAL A 224 -24.28 3.13 -3.40
CA VAL A 224 -23.60 4.11 -2.56
C VAL A 224 -24.48 5.33 -2.36
N GLU A 225 -25.12 5.78 -3.45
CA GLU A 225 -26.04 6.91 -3.34
C GLU A 225 -27.17 6.58 -2.30
N SER A 226 -27.79 5.40 -2.41
CA SER A 226 -28.82 4.97 -1.45
CA SER A 226 -28.82 4.97 -1.44
C SER A 226 -28.27 4.87 -0.03
N LEU A 227 -27.09 4.35 0.09
CA LEU A 227 -26.48 4.18 1.40
C LEU A 227 -26.21 5.51 2.11
N VAL A 228 -25.75 6.46 1.35
CA VAL A 228 -25.46 7.74 1.90
C VAL A 228 -26.75 8.37 2.44
N GLN A 229 -27.81 8.28 1.66
CA GLN A 229 -29.06 8.83 2.10
C GLN A 229 -29.55 8.08 3.36
N LYS A 230 -29.47 6.76 3.38
CA LYS A 230 -29.90 6.05 4.56
C LYS A 230 -29.11 6.40 5.83
N LEU A 231 -27.80 6.54 5.70
CA LEU A 231 -26.97 6.86 6.82
C LEU A 231 -27.27 8.23 7.36
N ALA A 232 -27.48 9.17 6.44
CA ALA A 232 -27.77 10.51 6.80
C ALA A 232 -29.12 10.61 7.44
N HIS A 233 -30.11 9.89 6.93
CA HIS A 233 -31.41 10.08 7.53
C HIS A 233 -32.15 8.90 8.09
N GLY A 234 -31.91 7.73 7.56
CA GLY A 234 -32.54 6.52 8.03
C GLY A 234 -33.52 5.93 7.06
N MET B 3 18.48 22.09 4.92
CA MET B 3 18.06 20.81 4.26
C MET B 3 17.44 19.91 5.37
N LYS B 4 16.31 19.25 5.07
CA LYS B 4 15.67 18.29 5.99
C LYS B 4 15.67 16.90 5.35
N ILE B 5 16.26 15.94 6.03
CA ILE B 5 16.30 14.63 5.45
C ILE B 5 15.30 13.68 6.10
N GLY B 6 14.46 13.11 5.26
CA GLY B 6 13.52 12.14 5.70
C GLY B 6 14.13 10.76 5.67
N ILE B 7 13.90 9.98 6.69
CA ILE B 7 14.46 8.62 6.72
C ILE B 7 13.30 7.68 7.14
N ILE B 8 13.18 6.55 6.48
CA ILE B 8 12.04 5.65 6.79
C ILE B 8 12.59 4.27 6.99
N GLY B 9 12.27 3.66 8.15
CA GLY B 9 12.51 2.22 8.30
C GLY B 9 11.20 1.58 8.79
N ALA B 10 11.06 0.29 8.53
CA ALA B 10 9.79 -0.40 8.76
C ALA B 10 9.71 -0.93 10.20
N MET B 11 10.68 -1.78 10.57
CA MET B 11 10.66 -2.44 11.88
C MET B 11 11.24 -1.47 12.93
N GLU B 12 10.85 -1.63 14.21
CA GLU B 12 11.49 -0.77 15.23
C GLU B 12 13.02 -1.04 15.25
N GLU B 13 13.43 -2.29 15.04
CA GLU B 13 14.86 -2.59 15.12
C GLU B 13 15.58 -1.87 14.00
N GLU B 14 14.87 -1.62 12.89
CA GLU B 14 15.48 -0.94 11.72
C GLU B 14 15.58 0.58 11.94
N VAL B 15 14.91 1.14 12.94
CA VAL B 15 15.03 2.58 13.21
C VAL B 15 15.66 2.95 14.56
N THR B 16 15.75 1.98 15.42
CA THR B 16 16.18 2.28 16.76
C THR B 16 17.56 2.91 16.97
N LEU B 17 18.52 2.45 16.20
CA LEU B 17 19.86 2.99 16.31
C LEU B 17 19.90 4.46 15.90
N LEU B 18 19.23 4.79 14.82
CA LEU B 18 19.17 6.18 14.42
C LEU B 18 18.38 7.04 15.41
N ARG B 19 17.29 6.47 15.87
CA ARG B 19 16.42 7.13 16.81
C ARG B 19 17.21 7.50 18.08
N ASP B 20 18.09 6.61 18.51
CA ASP B 20 18.88 6.87 19.73
CA ASP B 20 18.86 6.88 19.72
C ASP B 20 19.82 8.05 19.48
N LYS B 21 20.15 8.32 18.21
CA LYS B 21 21.14 9.38 17.90
C LYS B 21 20.51 10.78 17.61
N ILE B 22 19.18 10.85 17.46
CA ILE B 22 18.54 12.09 17.10
C ILE B 22 18.47 13.00 18.35
N GLU B 23 19.09 14.16 18.22
CA GLU B 23 19.07 15.15 19.32
C GLU B 23 17.97 16.20 19.06
N ASN B 24 17.64 16.96 20.10
CA ASN B 24 16.47 17.89 20.04
C ASN B 24 15.24 17.08 19.63
N ARG B 25 15.14 15.88 20.14
CA ARG B 25 14.21 14.86 19.56
C ARG B 25 12.76 15.07 20.06
N GLN B 26 11.79 15.00 19.15
CA GLN B 26 10.36 15.08 19.49
C GLN B 26 9.71 13.88 18.75
N THR B 27 8.61 13.39 19.27
CA THR B 27 7.95 12.23 18.63
C THR B 27 6.56 12.65 18.21
N ILE B 28 6.18 12.37 16.96
CA ILE B 28 4.79 12.56 16.46
C ILE B 28 4.22 11.15 16.37
N SER B 29 3.03 10.93 16.94
CA SER B 29 2.40 9.62 16.96
CA SER B 29 2.40 9.63 16.97
C SER B 29 1.06 9.73 16.26
N LEU B 30 0.95 9.09 15.10
CA LEU B 30 -0.20 9.34 14.20
C LEU B 30 -0.43 8.14 13.28
N GLY B 31 -1.68 7.68 13.16
CA GLY B 31 -2.03 6.65 12.16
C GLY B 31 -1.29 5.36 12.37
N GLY B 32 -0.92 5.06 13.63
CA GLY B 32 -0.19 3.86 13.94
C GLY B 32 1.32 3.96 13.67
N CYS B 33 1.76 5.16 13.24
N CYS B 33 1.79 5.14 13.28
CA CYS B 33 3.21 5.34 12.94
CA CYS B 33 3.22 5.27 13.02
C CYS B 33 3.80 6.24 14.03
C CYS B 33 3.83 6.41 13.83
N GLU B 34 5.14 6.30 14.04
CA GLU B 34 5.84 7.28 14.86
C GLU B 34 6.84 7.94 13.93
N ILE B 35 6.98 9.25 14.13
CA ILE B 35 7.98 10.02 13.42
C ILE B 35 8.83 10.74 14.51
N TYR B 36 10.15 10.62 14.39
CA TYR B 36 11.03 11.29 15.35
C TYR B 36 11.74 12.42 14.60
N THR B 37 11.54 13.64 15.08
CA THR B 37 12.15 14.81 14.43
C THR B 37 13.31 15.32 15.34
N GLY B 38 14.29 15.93 14.70
CA GLY B 38 15.40 16.57 15.45
C GLY B 38 16.61 16.56 14.54
N GLN B 39 17.78 16.51 15.16
CA GLN B 39 19.05 16.59 14.42
C GLN B 39 19.85 15.32 14.53
N LEU B 40 20.42 14.91 13.42
CA LEU B 40 21.34 13.76 13.41
C LEU B 40 22.71 14.35 13.05
N ASN B 41 23.63 14.36 14.05
CA ASN B 41 24.93 15.03 13.89
C ASN B 41 24.84 16.38 13.19
N GLY B 42 23.90 17.20 13.65
CA GLY B 42 23.74 18.58 13.23
C GLY B 42 22.92 18.77 11.98
N THR B 43 22.29 17.69 11.43
CA THR B 43 21.48 17.84 10.21
C THR B 43 20.01 17.54 10.61
N GLU B 44 19.09 18.40 10.17
CA GLU B 44 17.71 18.22 10.50
C GLU B 44 17.20 16.93 9.77
N VAL B 45 16.56 16.05 10.54
CA VAL B 45 16.01 14.81 9.98
C VAL B 45 14.59 14.60 10.49
N ALA B 46 13.85 13.73 9.79
CA ALA B 46 12.58 13.27 10.31
C ALA B 46 12.54 11.77 10.00
N LEU B 47 12.54 10.98 11.08
CA LEU B 47 12.72 9.53 10.99
C LEU B 47 11.34 8.88 11.23
N LEU B 48 10.86 8.14 10.23
CA LEU B 48 9.55 7.45 10.37
C LEU B 48 9.80 5.97 10.64
N LYS B 49 9.11 5.43 11.66
CA LYS B 49 8.95 4.01 11.80
C LYS B 49 7.57 3.70 11.21
N SER B 50 7.58 3.01 10.03
CA SER B 50 6.31 2.90 9.26
C SER B 50 5.50 1.63 9.63
N GLY B 51 6.16 0.58 10.16
CA GLY B 51 5.47 -0.74 10.19
C GLY B 51 5.76 -1.45 8.87
N ILE B 52 5.18 -2.63 8.75
CA ILE B 52 5.67 -3.62 7.79
C ILE B 52 4.80 -3.71 6.54
N GLY B 53 5.42 -3.67 5.34
CA GLY B 53 4.70 -3.97 4.10
C GLY B 53 4.27 -2.69 3.37
N LYS B 54 3.67 -2.90 2.21
CA LYS B 54 3.48 -1.81 1.26
C LYS B 54 2.49 -0.72 1.78
N VAL B 55 1.32 -1.15 2.26
CA VAL B 55 0.34 -0.21 2.77
C VAL B 55 0.85 0.54 3.99
N ALA B 56 1.44 -0.15 4.95
CA ALA B 56 2.00 0.56 6.14
C ALA B 56 3.01 1.63 5.67
N ALA B 57 3.89 1.21 4.77
CA ALA B 57 4.92 2.14 4.29
C ALA B 57 4.31 3.33 3.58
N ALA B 58 3.27 3.07 2.79
CA ALA B 58 2.64 4.14 2.01
C ALA B 58 1.94 5.16 2.94
N LEU B 59 1.21 4.63 3.93
CA LEU B 59 0.44 5.48 4.88
C LEU B 59 1.49 6.33 5.64
N GLY B 60 2.55 5.68 6.11
CA GLY B 60 3.59 6.39 6.89
C GLY B 60 4.37 7.39 6.03
N ALA B 61 4.70 7.04 4.79
CA ALA B 61 5.43 7.97 3.93
C ALA B 61 4.57 9.20 3.67
N THR B 62 3.27 8.95 3.44
CA THR B 62 2.34 10.06 3.17
C THR B 62 2.27 10.99 4.38
N LEU B 63 2.16 10.41 5.58
CA LEU B 63 2.18 11.27 6.84
C LEU B 63 3.47 12.03 6.98
N LEU B 64 4.60 11.39 6.66
CA LEU B 64 5.89 12.06 6.83
C LEU B 64 6.04 13.23 5.84
N LEU B 65 5.69 13.01 4.56
CA LEU B 65 5.77 14.08 3.59
C LEU B 65 4.83 15.24 3.96
N GLU B 66 3.62 14.91 4.33
CA GLU B 66 2.64 15.96 4.73
C GLU B 66 3.03 16.72 6.01
N HIS B 67 3.48 16.00 7.03
CA HIS B 67 3.68 16.66 8.34
C HIS B 67 5.06 17.29 8.39
N CYS B 68 6.04 16.69 7.71
CA CYS B 68 7.44 17.13 7.89
C CYS B 68 8.07 17.82 6.68
N LYS B 69 7.49 17.57 5.47
CA LYS B 69 8.00 18.12 4.24
C LYS B 69 9.54 17.99 4.08
N PRO B 70 10.06 16.74 4.19
CA PRO B 70 11.51 16.56 3.96
C PRO B 70 11.88 16.86 2.48
N ASP B 71 13.13 17.28 2.24
CA ASP B 71 13.62 17.54 0.89
C ASP B 71 13.87 16.23 0.13
N VAL B 72 14.31 15.20 0.85
CA VAL B 72 14.61 13.92 0.22
C VAL B 72 14.21 12.82 1.20
N ILE B 73 14.11 11.61 0.66
CA ILE B 73 13.79 10.42 1.49
C ILE B 73 14.86 9.36 1.32
N ILE B 74 15.34 8.86 2.47
CA ILE B 74 16.23 7.68 2.42
C ILE B 74 15.53 6.53 3.11
N ASN B 75 15.46 5.37 2.42
CA ASN B 75 14.80 4.19 3.03
C ASN B 75 15.93 3.31 3.57
N THR B 76 15.91 3.07 4.88
CA THR B 76 16.94 2.27 5.56
C THR B 76 16.36 0.85 5.93
N GLY B 77 17.20 -0.08 6.34
CA GLY B 77 16.70 -1.35 6.91
C GLY B 77 17.41 -2.54 6.31
N SER B 78 16.81 -3.72 6.52
CA SER B 78 17.42 -4.99 6.05
C SER B 78 16.86 -5.34 4.65
N ALA B 79 17.36 -6.40 4.03
CA ALA B 79 16.87 -6.82 2.70
C ALA B 79 17.29 -8.25 2.47
N GLY B 80 16.57 -8.99 1.62
CA GLY B 80 17.03 -10.33 1.15
C GLY B 80 17.94 -10.12 -0.04
N GLY B 81 19.19 -10.65 0.01
CA GLY B 81 20.14 -10.38 -1.08
C GLY B 81 19.89 -11.36 -2.22
N LEU B 82 19.90 -10.82 -3.46
CA LEU B 82 19.72 -11.63 -4.66
C LEU B 82 20.97 -11.61 -5.53
N ALA B 83 21.75 -10.55 -5.48
CA ALA B 83 22.93 -10.46 -6.41
C ALA B 83 23.99 -11.45 -5.87
N PRO B 84 24.71 -12.16 -6.76
CA PRO B 84 25.73 -13.16 -6.30
C PRO B 84 26.89 -12.68 -5.46
N THR B 85 27.32 -11.44 -5.59
CA THR B 85 28.49 -10.99 -4.77
C THR B 85 28.10 -10.56 -3.33
N LEU B 86 26.81 -10.66 -2.99
CA LEU B 86 26.37 -10.16 -1.68
C LEU B 86 26.50 -11.15 -0.53
N LYS B 87 27.05 -10.68 0.58
CA LYS B 87 27.05 -11.40 1.83
C LYS B 87 26.22 -10.69 2.84
N VAL B 88 25.83 -11.42 3.87
CA VAL B 88 25.17 -10.79 4.99
C VAL B 88 25.96 -9.56 5.50
N GLY B 89 25.25 -8.46 5.74
CA GLY B 89 25.83 -7.21 6.19
C GLY B 89 26.15 -6.26 5.04
N ASP B 90 26.28 -6.76 3.81
CA ASP B 90 26.67 -5.90 2.68
C ASP B 90 25.54 -4.90 2.31
N ILE B 91 25.92 -3.84 1.62
CA ILE B 91 24.98 -2.77 1.35
C ILE B 91 24.35 -3.00 -0.04
N VAL B 92 23.05 -2.72 -0.11
CA VAL B 92 22.45 -2.53 -1.47
C VAL B 92 21.88 -1.12 -1.62
N VAL B 93 22.13 -0.52 -2.79
CA VAL B 93 21.69 0.83 -3.04
C VAL B 93 20.75 0.73 -4.25
N SER B 94 19.56 1.31 -4.13
CA SER B 94 18.65 1.24 -5.29
C SER B 94 19.08 2.21 -6.38
N ASP B 95 19.16 1.71 -7.59
CA ASP B 95 19.00 2.66 -8.69
C ASP B 95 17.55 2.82 -9.12
N GLU B 96 16.75 1.82 -8.79
CA GLU B 96 15.35 1.82 -9.18
C GLU B 96 14.62 0.82 -8.27
N ALA B 97 13.30 0.99 -8.15
CA ALA B 97 12.49 0.10 -7.31
C ALA B 97 11.29 -0.36 -8.16
N ARG B 98 10.96 -1.66 -8.08
CA ARG B 98 9.72 -2.20 -8.77
C ARG B 98 8.96 -3.16 -7.83
N TYR B 99 7.63 -3.21 -7.98
CA TYR B 99 6.88 -4.21 -7.25
C TYR B 99 7.10 -5.56 -7.98
N HIS B 100 7.46 -6.60 -7.21
CA HIS B 100 7.59 -7.91 -7.83
C HIS B 100 6.26 -8.64 -7.88
N ASP B 101 5.30 -8.15 -7.09
CA ASP B 101 3.99 -8.85 -6.94
C ASP B 101 2.81 -8.10 -7.55
N ALA B 102 3.09 -7.12 -8.42
CA ALA B 102 1.98 -6.40 -9.10
C ALA B 102 1.83 -7.02 -10.50
N ASP B 103 0.62 -7.35 -10.88
CA ASP B 103 0.41 -8.03 -12.17
C ASP B 103 -0.94 -7.58 -12.76
N VAL B 104 -0.87 -6.60 -13.67
CA VAL B 104 -2.04 -6.18 -14.48
C VAL B 104 -1.68 -6.46 -15.98
N THR B 105 -0.90 -7.53 -16.16
CA THR B 105 -0.49 -7.96 -17.54
C THR B 105 -1.67 -8.36 -18.40
N ALA B 106 -2.80 -8.71 -17.79
CA ALA B 106 -4.03 -9.02 -18.55
C ALA B 106 -4.47 -7.83 -19.40
N PHE B 107 -4.08 -6.61 -19.01
CA PHE B 107 -4.38 -5.40 -19.81
C PHE B 107 -3.10 -4.80 -20.42
N GLY B 108 -2.04 -5.61 -20.46
CA GLY B 108 -0.83 -5.28 -21.20
C GLY B 108 0.03 -4.23 -20.51
N TYR B 109 -0.14 -4.03 -19.19
CA TYR B 109 0.90 -3.27 -18.45
C TYR B 109 2.11 -4.21 -18.27
N GLU B 110 3.29 -3.62 -18.03
CA GLU B 110 4.46 -4.37 -17.89
C GLU B 110 4.33 -5.19 -16.59
N TYR B 111 4.91 -6.38 -16.53
CA TYR B 111 4.81 -7.15 -15.22
C TYR B 111 5.47 -6.24 -14.13
N GLY B 112 4.82 -6.16 -12.98
CA GLY B 112 5.31 -5.32 -11.83
C GLY B 112 4.76 -3.88 -11.87
N GLN B 113 4.21 -3.47 -13.02
CA GLN B 113 3.68 -2.09 -13.15
C GLN B 113 2.22 -1.97 -12.68
N LEU B 114 1.89 -0.93 -11.90
CA LEU B 114 0.45 -0.65 -11.64
C LEU B 114 -0.01 0.48 -12.58
N PRO B 115 -1.22 0.39 -13.11
CA PRO B 115 -1.74 1.49 -13.92
C PRO B 115 -1.65 2.79 -13.22
N GLY B 116 -1.20 3.79 -13.97
CA GLY B 116 -0.99 5.16 -13.40
C GLY B 116 0.44 5.40 -12.92
N CYS B 117 1.29 4.37 -12.96
CA CYS B 117 2.68 4.49 -12.46
C CYS B 117 3.63 4.16 -13.63
N PRO B 118 4.87 4.67 -13.55
CA PRO B 118 5.88 4.07 -14.42
C PRO B 118 6.11 2.60 -14.05
N ALA B 119 6.72 1.84 -14.97
CA ALA B 119 6.95 0.39 -14.67
C ALA B 119 7.92 0.24 -13.48
N GLY B 120 8.76 1.26 -13.27
CA GLY B 120 9.67 1.23 -12.11
C GLY B 120 9.89 2.67 -11.70
N PHE B 121 10.39 2.89 -10.50
CA PHE B 121 10.60 4.26 -9.96
C PHE B 121 12.12 4.47 -9.83
N LYS B 122 12.65 5.51 -10.46
CA LYS B 122 14.10 5.68 -10.48
C LYS B 122 14.52 6.48 -9.26
N ALA B 123 15.53 5.96 -8.57
CA ALA B 123 16.09 6.66 -7.40
C ALA B 123 16.97 7.82 -7.89
N ASP B 124 17.23 8.74 -6.98
CA ASP B 124 17.86 10.00 -7.33
C ASP B 124 19.38 9.87 -7.59
N ASP B 125 19.82 10.34 -8.74
CA ASP B 125 21.23 10.15 -9.09
C ASP B 125 22.22 10.83 -8.10
N LYS B 126 21.89 12.02 -7.60
CA LYS B 126 22.79 12.70 -6.65
C LYS B 126 22.84 11.89 -5.31
N LEU B 127 21.66 11.43 -4.89
CA LEU B 127 21.64 10.57 -3.64
C LEU B 127 22.42 9.27 -3.84
N ILE B 128 22.28 8.65 -5.03
CA ILE B 128 23.02 7.40 -5.31
C ILE B 128 24.54 7.69 -5.24
N ALA B 129 24.97 8.73 -5.95
CA ALA B 129 26.43 9.10 -5.99
C ALA B 129 26.96 9.35 -4.57
N ALA B 130 26.15 10.05 -3.75
CA ALA B 130 26.60 10.35 -2.38
C ALA B 130 26.73 9.04 -1.59
N ALA B 131 25.73 8.15 -1.75
CA ALA B 131 25.77 6.85 -1.05
C ALA B 131 27.02 6.07 -1.52
N GLU B 132 27.35 6.09 -2.83
CA GLU B 132 28.55 5.33 -3.30
C GLU B 132 29.86 5.96 -2.78
N ALA B 133 29.86 7.29 -2.59
CA ALA B 133 31.09 7.94 -1.99
C ALA B 133 31.24 7.42 -0.51
N CYS B 134 30.14 7.38 0.23
CA CYS B 134 30.16 6.84 1.61
C CYS B 134 30.67 5.39 1.63
N ILE B 135 30.15 4.54 0.72
CA ILE B 135 30.53 3.13 0.68
C ILE B 135 32.08 3.05 0.47
N ALA B 136 32.58 3.84 -0.47
CA ALA B 136 34.06 3.78 -0.74
C ALA B 136 34.86 4.26 0.51
N GLU B 137 34.40 5.34 1.16
CA GLU B 137 35.11 5.93 2.32
C GLU B 137 35.11 4.94 3.47
N LEU B 138 34.01 4.17 3.60
CA LEU B 138 33.88 3.20 4.74
C LEU B 138 34.41 1.83 4.37
N ASN B 139 34.85 1.66 3.13
CA ASN B 139 35.41 0.37 2.64
C ASN B 139 34.35 -0.76 2.77
N LEU B 140 33.13 -0.49 2.30
CA LEU B 140 32.08 -1.51 2.35
C LEU B 140 31.97 -2.20 1.05
N ASN B 141 31.39 -3.40 1.09
CA ASN B 141 31.02 -4.09 -0.15
CA ASN B 141 31.01 -4.12 -0.13
C ASN B 141 29.55 -3.77 -0.40
N ALA B 142 29.26 -3.35 -1.64
CA ALA B 142 27.88 -2.92 -1.95
C ALA B 142 27.56 -3.22 -3.40
N VAL B 143 26.25 -3.32 -3.72
CA VAL B 143 25.86 -3.45 -5.11
C VAL B 143 24.81 -2.40 -5.30
N ARG B 144 24.83 -1.77 -6.47
CA ARG B 144 23.76 -0.77 -6.89
C ARG B 144 22.90 -1.42 -7.95
N GLY B 145 21.57 -1.27 -7.90
CA GLY B 145 20.76 -1.94 -8.93
C GLY B 145 19.29 -1.92 -8.50
N LEU B 146 18.51 -2.79 -9.15
CA LEU B 146 17.06 -2.80 -8.94
C LEU B 146 16.76 -3.49 -7.60
N ILE B 147 15.93 -2.86 -6.79
CA ILE B 147 15.46 -3.53 -5.58
C ILE B 147 13.95 -3.77 -5.80
N VAL B 148 13.44 -4.96 -5.50
CA VAL B 148 12.03 -5.26 -5.72
C VAL B 148 11.27 -5.46 -4.40
N SER B 149 10.00 -4.98 -4.36
CA SER B 149 9.26 -5.08 -3.08
C SER B 149 7.98 -5.82 -3.32
N GLY B 150 7.51 -6.49 -2.27
CA GLY B 150 6.23 -7.13 -2.31
C GLY B 150 5.75 -7.26 -0.89
N ASP B 151 4.60 -7.88 -0.73
CA ASP B 151 4.08 -8.10 0.63
C ASP B 151 4.35 -9.54 1.09
N ALA B 152 5.52 -10.07 0.73
CA ALA B 152 5.90 -11.39 1.17
C ALA B 152 7.34 -11.43 1.69
N PHE B 153 7.55 -12.20 2.78
CA PHE B 153 8.92 -12.50 3.18
C PHE B 153 9.40 -13.70 2.33
N ILE B 154 10.39 -13.51 1.47
CA ILE B 154 10.87 -14.42 0.53
CA ILE B 154 10.86 -14.43 0.51
C ILE B 154 11.71 -15.46 1.21
N ASN B 155 11.41 -16.73 0.92
CA ASN B 155 11.96 -17.85 1.70
C ASN B 155 12.12 -19.05 0.73
N GLY B 156 12.80 -18.77 -0.38
CA GLY B 156 13.18 -19.81 -1.42
C GLY B 156 11.93 -20.30 -2.15
N SER B 157 12.06 -21.51 -2.67
CA SER B 157 10.96 -22.23 -3.35
C SER B 157 10.35 -21.42 -4.51
N VAL B 158 9.02 -21.46 -4.66
CA VAL B 158 8.44 -20.95 -5.90
C VAL B 158 8.41 -19.41 -5.82
N GLY B 159 8.25 -18.86 -4.60
CA GLY B 159 8.27 -17.40 -4.48
C GLY B 159 9.58 -16.79 -4.96
N LEU B 160 10.70 -17.42 -4.62
CA LEU B 160 11.95 -16.91 -5.06
C LEU B 160 12.13 -17.11 -6.55
N ALA B 161 11.72 -18.28 -7.04
CA ALA B 161 11.85 -18.59 -8.45
C ALA B 161 11.11 -17.54 -9.33
N LYS B 162 9.93 -17.17 -8.90
CA LYS B 162 9.14 -16.20 -9.62
CA LYS B 162 9.15 -16.20 -9.64
C LYS B 162 9.82 -14.83 -9.74
N ILE B 163 10.41 -14.37 -8.64
CA ILE B 163 11.21 -13.12 -8.64
C ILE B 163 12.41 -13.21 -9.58
N ARG B 164 13.10 -14.33 -9.52
CA ARG B 164 14.24 -14.50 -10.42
C ARG B 164 13.81 -14.58 -11.90
N HIS B 165 12.66 -15.20 -12.21
CA HIS B 165 12.12 -15.19 -13.57
C HIS B 165 11.76 -13.80 -14.08
N ASN B 166 10.99 -13.10 -13.28
CA ASN B 166 10.50 -11.75 -13.64
C ASN B 166 11.51 -10.61 -13.57
N PHE B 167 12.43 -10.71 -12.63
CA PHE B 167 13.44 -9.68 -12.39
C PHE B 167 14.82 -10.28 -12.23
N PRO B 168 15.38 -10.83 -13.30
CA PRO B 168 16.70 -11.44 -13.19
C PRO B 168 17.74 -10.40 -12.77
N GLN B 169 17.50 -9.13 -13.01
CA GLN B 169 18.40 -8.08 -12.64
C GLN B 169 18.25 -7.56 -11.17
N ALA B 170 17.21 -8.02 -10.47
CA ALA B 170 17.00 -7.54 -9.12
C ALA B 170 18.21 -7.92 -8.25
N ILE B 171 18.68 -6.97 -7.46
CA ILE B 171 19.79 -7.24 -6.56
C ILE B 171 19.38 -7.61 -5.10
N ALA B 172 18.16 -7.25 -4.74
CA ALA B 172 17.65 -7.54 -3.41
C ALA B 172 16.12 -7.40 -3.39
N VAL B 173 15.54 -8.01 -2.39
CA VAL B 173 14.10 -7.96 -2.23
C VAL B 173 13.71 -7.59 -0.81
N GLU B 174 12.64 -6.86 -0.70
CA GLU B 174 12.16 -6.47 0.56
C GLU B 174 10.65 -6.14 0.47
N MET B 175 10.10 -5.43 1.45
CA MET B 175 8.67 -5.24 1.48
C MET B 175 8.11 -3.80 1.52
N GLU B 176 8.97 -2.79 1.46
CA GLU B 176 8.48 -1.43 1.53
C GLU B 176 9.02 -0.37 0.54
N ALA B 177 10.21 -0.59 0.10
CA ALA B 177 10.88 0.41 -0.69
C ALA B 177 10.09 0.95 -1.90
N THR B 178 9.43 0.07 -2.62
CA THR B 178 8.79 0.50 -3.85
C THR B 178 7.54 1.31 -3.46
N ALA B 179 6.89 0.95 -2.35
CA ALA B 179 5.77 1.75 -1.86
C ALA B 179 6.23 3.17 -1.50
N ILE B 180 7.34 3.26 -0.81
CA ILE B 180 7.92 4.55 -0.48
C ILE B 180 8.27 5.30 -1.76
N ALA B 181 8.89 4.60 -2.71
CA ALA B 181 9.22 5.24 -4.04
C ALA B 181 7.99 5.81 -4.74
N HIS B 182 6.88 5.05 -4.72
CA HIS B 182 5.66 5.40 -5.39
C HIS B 182 5.07 6.67 -4.71
N VAL B 183 5.03 6.65 -3.39
CA VAL B 183 4.50 7.85 -2.71
C VAL B 183 5.42 9.05 -3.07
N CYS B 184 6.75 8.85 -3.02
CA CYS B 184 7.70 9.92 -3.36
C CYS B 184 7.46 10.42 -4.80
N HIS B 185 7.20 9.48 -5.69
CA HIS B 185 6.90 9.82 -7.10
C HIS B 185 5.73 10.78 -7.17
N ASN B 186 4.65 10.48 -6.43
CA ASN B 186 3.42 11.24 -6.49
C ASN B 186 3.57 12.61 -5.91
N PHE B 187 4.55 12.79 -5.01
CA PHE B 187 4.83 14.08 -4.43
C PHE B 187 6.09 14.77 -5.02
N ASN B 188 6.70 14.17 -6.05
CA ASN B 188 7.95 14.69 -6.67
CA ASN B 188 7.93 14.73 -6.65
C ASN B 188 9.06 14.88 -5.63
N VAL B 189 9.21 13.87 -4.75
CA VAL B 189 10.32 13.91 -3.75
C VAL B 189 11.43 12.88 -4.11
N PRO B 190 12.70 13.32 -4.16
CA PRO B 190 13.74 12.34 -4.54
C PRO B 190 13.92 11.29 -3.48
N PHE B 191 14.18 10.05 -3.89
CA PHE B 191 14.39 9.02 -2.84
C PHE B 191 15.66 8.19 -3.18
N VAL B 192 16.14 7.46 -2.17
CA VAL B 192 17.10 6.37 -2.42
C VAL B 192 16.90 5.36 -1.32
N VAL B 193 17.17 4.10 -1.68
CA VAL B 193 17.14 2.98 -0.71
C VAL B 193 18.58 2.58 -0.39
N VAL B 194 18.92 2.48 0.89
CA VAL B 194 20.24 2.09 1.31
C VAL B 194 20.00 1.08 2.42
N ARG B 195 19.95 -0.20 2.00
CA ARG B 195 19.62 -1.28 2.97
C ARG B 195 20.81 -2.20 3.03
N ALA B 196 20.74 -3.15 3.96
CA ALA B 196 21.84 -4.10 4.11
C ALA B 196 21.28 -5.49 4.24
N ILE B 197 22.13 -6.47 3.90
CA ILE B 197 21.62 -7.83 3.64
C ILE B 197 21.53 -8.57 4.98
N SER B 198 20.33 -9.09 5.26
CA SER B 198 20.15 -9.93 6.46
C SER B 198 20.08 -11.45 6.10
N ASP B 199 19.83 -11.75 4.82
CA ASP B 199 19.63 -13.12 4.38
C ASP B 199 19.66 -13.09 2.86
N VAL B 200 19.61 -14.27 2.24
CA VAL B 200 19.59 -14.34 0.76
C VAL B 200 18.32 -14.88 0.17
N ALA B 201 17.20 -14.75 0.96
CA ALA B 201 15.83 -14.95 0.44
C ALA B 201 15.63 -16.40 -0.04
N ASP B 202 16.49 -17.29 0.43
CA ASP B 202 16.40 -18.73 0.15
C ASP B 202 15.63 -19.50 1.23
N GLN B 203 15.66 -20.84 1.18
CA GLN B 203 14.90 -21.67 2.12
C GLN B 203 15.28 -21.50 3.61
N GLN B 204 16.43 -20.94 3.85
CA GLN B 204 16.81 -20.69 5.22
C GLN B 204 16.83 -19.18 5.60
N SER B 205 16.17 -18.38 4.76
CA SER B 205 16.19 -16.94 4.94
C SER B 205 15.64 -16.54 6.30
N HIS B 206 14.66 -17.29 6.80
CA HIS B 206 14.11 -17.00 8.13
C HIS B 206 15.15 -17.16 9.25
N LEU B 207 15.92 -18.22 9.17
CA LEU B 207 16.98 -18.43 10.12
C LEU B 207 18.10 -17.42 9.97
N SER B 208 18.49 -17.14 8.77
CA SER B 208 19.50 -16.10 8.61
C SER B 208 18.99 -14.74 9.19
N PHE B 209 17.72 -14.39 8.90
CA PHE B 209 17.14 -13.15 9.41
C PHE B 209 17.10 -13.16 10.97
N ASP B 210 16.76 -14.30 11.56
CA ASP B 210 16.77 -14.48 13.02
C ASP B 210 18.19 -14.10 13.51
N GLU B 211 19.20 -14.46 12.74
CA GLU B 211 20.57 -14.33 13.21
CA GLU B 211 20.59 -14.33 13.21
C GLU B 211 21.19 -12.97 12.87
N PHE B 212 20.80 -12.43 11.72
CA PHE B 212 21.51 -11.26 11.22
C PHE B 212 20.70 -9.99 10.99
N LEU B 213 19.41 -9.99 11.29
CA LEU B 213 18.64 -8.71 11.24
C LEU B 213 19.43 -7.59 11.93
N ALA B 214 19.93 -7.82 13.16
CA ALA B 214 20.61 -6.70 13.85
C ALA B 214 21.88 -6.19 13.12
N VAL B 215 22.65 -7.09 12.54
CA VAL B 215 23.84 -6.75 11.78
C VAL B 215 23.42 -5.91 10.60
N ALA B 216 22.33 -6.32 9.93
CA ALA B 216 21.87 -5.52 8.76
C ALA B 216 21.33 -4.14 9.20
N ALA B 217 20.59 -4.10 10.30
CA ALA B 217 20.05 -2.82 10.79
C ALA B 217 21.24 -1.89 11.14
N LYS B 218 22.26 -2.46 11.76
CA LYS B 218 23.45 -1.67 12.12
C LYS B 218 24.17 -1.16 10.88
N GLN B 219 24.43 -2.04 9.91
CA GLN B 219 25.20 -1.60 8.74
C GLN B 219 24.41 -0.56 7.96
N SER B 220 23.09 -0.78 7.78
N SER B 220 23.08 -0.78 7.77
CA SER B 220 22.28 0.17 7.01
CA SER B 220 22.26 0.19 7.02
C SER B 220 22.18 1.52 7.76
C SER B 220 22.25 1.52 7.77
N SER B 221 22.00 1.47 9.08
CA SER B 221 21.96 2.72 9.94
C SER B 221 23.28 3.50 9.87
N LEU B 222 24.41 2.80 9.92
CA LEU B 222 25.72 3.49 9.91
CA LEU B 222 25.72 3.47 9.89
C LEU B 222 25.84 4.16 8.53
N MET B 223 25.48 3.42 7.46
CA MET B 223 25.48 4.06 6.11
C MET B 223 24.61 5.27 5.98
N VAL B 224 23.41 5.16 6.53
CA VAL B 224 22.50 6.30 6.52
C VAL B 224 23.05 7.51 7.25
N GLU B 225 23.63 7.25 8.43
CA GLU B 225 24.22 8.33 9.21
CA GLU B 225 24.26 8.34 9.21
C GLU B 225 25.32 9.01 8.35
N SER B 226 26.18 8.20 7.69
CA SER B 226 27.25 8.78 6.87
CA SER B 226 27.25 8.74 6.83
C SER B 226 26.67 9.56 5.69
N LEU B 227 25.62 9.04 5.09
CA LEU B 227 25.02 9.67 3.91
C LEU B 227 24.34 11.00 4.28
N VAL B 228 23.65 11.03 5.41
CA VAL B 228 23.09 12.29 5.92
C VAL B 228 24.18 13.37 6.03
N GLN B 229 25.26 12.97 6.69
CA GLN B 229 26.40 13.91 6.91
C GLN B 229 26.96 14.39 5.55
N LYS B 230 27.12 13.46 4.63
CA LYS B 230 27.66 13.82 3.33
C LYS B 230 26.76 14.78 2.55
N LEU B 231 25.48 14.50 2.56
CA LEU B 231 24.55 15.32 1.83
C LEU B 231 24.45 16.75 2.37
N ALA B 232 24.37 16.86 3.66
CA ALA B 232 24.24 18.15 4.29
C ALA B 232 25.51 18.96 4.41
N HIS B 233 26.63 18.28 4.51
CA HIS B 233 27.87 18.96 4.81
C HIS B 233 29.00 18.67 3.88
N GLY B 234 28.78 17.82 2.89
CA GLY B 234 29.77 17.47 1.88
C GLY B 234 30.76 16.50 2.39
N1 4CT C . -9.10 -8.74 -10.19
CL1 4CT C . -7.34 1.63 -17.13
C2 4CT C . -8.76 -7.66 -9.44
N3 4CT C . -9.54 -6.53 -9.38
C4 4CT C . -10.73 -6.45 -10.03
C5 4CT C . -11.11 -7.53 -10.85
C6 4CT C . -10.31 -8.67 -10.89
N6 4CT C . -10.68 -9.75 -11.66
N7 4CT C . -12.32 -7.19 -11.37
C8 4CT C . -12.66 -5.92 -10.98
C9 4CT C . -11.62 -5.39 -10.12
C1' 4CT C . -10.80 -2.54 -11.29
N1' 4CT C . -10.65 -3.12 -9.88
C10 4CT C . -11.69 -4.05 -9.36
C11 4CT C . -7.21 0.25 -16.00
C13 4CT C . -7.12 0.55 -14.64
C14 4CT C . -7.02 -0.55 -13.72
C2' 4CT C . -9.28 -3.16 -9.29
C3' 4CT C . -8.56 -2.23 -10.30
O3' 4CT C . -8.74 -0.90 -9.73
C4' 4CT C . -9.28 -2.29 -11.66
C5' 4CT C . -8.76 -3.44 -12.57
S6' 4CT C . -7.01 -3.19 -13.02
C7' 4CT C . -6.96 -1.91 -14.18
C8' 4CT C . -7.17 -2.13 -15.58
C9' 4CT C . -7.14 -1.09 -16.52
C1 GOL D . -2.40 -15.10 -12.57
O1 GOL D . -2.34 -16.56 -12.76
C2 GOL D . -3.68 -14.47 -13.23
O2 GOL D . -4.89 -14.73 -12.46
C3 GOL D . -3.37 -12.98 -13.30
O3 GOL D . -3.23 -12.51 -11.96
C1 GOL E . 1.48 -0.57 12.42
O1 GOL E . 2.47 -1.51 12.79
C2 GOL E . 1.41 -0.72 10.92
O2 GOL E . 1.77 -2.03 10.45
C3 GOL E . 0.02 -0.50 10.40
O3 GOL E . 0.29 0.14 9.17
N1 4CT F . 11.97 -10.99 2.04
CL1 4CT F . 8.58 -8.85 13.93
C2 4CT F . 11.26 -9.81 2.22
N3 4CT F . 11.74 -8.79 2.97
C4 4CT F . 12.93 -8.90 3.61
C5 4CT F . 13.64 -10.11 3.49
C6 4CT F . 13.13 -11.15 2.70
N6 4CT F . 13.84 -12.34 2.59
N7 4CT F . 14.79 -10.00 4.27
C8 4CT F . 14.77 -8.73 4.85
C9 4CT F . 13.61 -8.00 4.45
C1' 4CT F . 12.30 -6.96 7.20
N1' 4CT F . 12.17 -6.48 5.79
C10 4CT F . 13.30 -6.52 4.87
C11 4CT F . 8.75 -9.10 12.15
C13 4CT F . 8.34 -8.05 11.32
C14 4CT F . 8.50 -8.23 9.91
C2' 4CT F . 10.83 -6.41 5.21
C3' 4CT F . 9.97 -6.60 6.49
O3' 4CT F . 9.85 -5.22 7.00
C4' 4CT F . 10.81 -7.44 7.45
C5' 4CT F . 10.67 -8.97 7.24
S6' 4CT F . 9.00 -9.54 7.64
C7' 4CT F . 8.97 -9.47 9.35
C8' 4CT F . 9.30 -10.51 10.24
C9' 4CT F . 9.26 -10.29 11.61
C1 GOL G . 12.65 -2.84 -18.78
O1 GOL G . 11.60 -3.83 -18.67
C2 GOL G . 12.12 -1.41 -18.80
O2 GOL G . 12.86 -0.37 -19.42
C3 GOL G . 10.71 -1.22 -19.20
O3 GOL G . 10.43 -0.76 -17.90
C1 GOL H . 11.41 -12.57 13.83
O1 GOL H . 10.65 -11.88 14.85
C2 GOL H . 12.85 -12.17 14.15
O2 GOL H . 13.01 -10.75 14.10
C3 GOL H . 12.98 -12.43 15.66
O3 GOL H . 13.44 -13.77 15.77
C1 IPA I . 16.50 -18.69 -11.33
C2 IPA I . 16.16 -20.11 -10.88
C3 IPA I . 17.44 -20.90 -11.00
O2 IPA I . 15.18 -20.75 -11.78
#